data_2F6K
#
_entry.id   2F6K
#
_cell.length_a   82.620
_cell.length_b   82.620
_cell.length_c   240.815
_cell.angle_alpha   90.00
_cell.angle_beta   90.00
_cell.angle_gamma   90.00
#
_symmetry.space_group_name_H-M   'P 43 2 2'
#
loop_
_entity.id
_entity.type
_entity.pdbx_description
1 polymer 'metal-dependent hydrolase'
2 non-polymer 'MANGANESE (II) ION'
3 water water
#
_entity_poly.entity_id   1
_entity_poly.type   'polypeptide(L)'
_entity_poly.pdbx_seq_one_letter_code
;(MSE)SKIDFHTHYLPTSYVEALKRHVPGDPDGWPTPEWTPQLTLNF(MSE)RDNDISYSILSLSSPHVNFGDKAETIRL
VEAANDDGKSLAQQYPDQLGYLASLPIPYELDAVKTVQQALDQDGALGVTVPTNSRGLYFGSPVLERVYQELDARQAIVA
LHPNEPAILPKNVDIDLPVPLLGFF(MSE)DTT(MSE)TFIN(MSE)LKYHFFEKYPNIKVIIPHAGAFLGIVDDRIAQY
AQKVYQVDVYDV(MSE)HHVYFDVAGAVLPRQLPTL(MSE)SLAQPEHLLYGSDIPYTPLDGSRQLGHALATTDLLTNEQ
KQAIFYDNAHRLLTE
;
_entity_poly.pdbx_strand_id   A,B
#
# COMPACT_ATOMS: atom_id res chain seq x y z
N SER A 2 -8.78 28.60 -31.84
CA SER A 2 -8.68 27.17 -31.40
C SER A 2 -7.58 27.00 -30.38
N LYS A 3 -7.67 25.93 -29.61
CA LYS A 3 -6.68 25.63 -28.58
C LYS A 3 -5.86 24.40 -28.92
N ILE A 4 -4.69 24.30 -28.28
CA ILE A 4 -3.82 23.14 -28.43
C ILE A 4 -3.74 22.57 -27.02
N ASP A 5 -4.08 21.29 -26.87
CA ASP A 5 -4.10 20.61 -25.57
C ASP A 5 -2.80 19.85 -25.29
N PHE A 6 -2.03 20.29 -24.30
CA PHE A 6 -0.77 19.61 -24.01
C PHE A 6 -0.81 18.63 -22.84
N HIS A 7 -2.00 18.39 -22.31
CA HIS A 7 -2.17 17.45 -21.21
C HIS A 7 -3.51 16.78 -21.38
N THR A 8 -3.52 15.71 -22.17
CA THR A 8 -4.73 14.97 -22.45
C THR A 8 -4.28 13.51 -22.59
N HIS A 9 -5.11 12.55 -22.18
CA HIS A 9 -4.69 11.16 -22.21
C HIS A 9 -5.48 10.13 -23.04
N TYR A 10 -4.84 8.96 -23.22
CA TYR A 10 -5.44 7.85 -23.94
C TYR A 10 -5.12 6.58 -23.16
N LEU A 11 -5.91 5.54 -23.34
CA LEU A 11 -5.66 4.27 -22.63
C LEU A 11 -5.69 3.05 -23.53
N PRO A 12 -4.49 2.53 -23.90
CA PRO A 12 -4.39 1.34 -24.75
C PRO A 12 -5.10 0.18 -24.06
N THR A 13 -5.68 -0.73 -24.83
CA THR A 13 -6.38 -1.84 -24.21
C THR A 13 -5.46 -2.68 -23.34
N SER A 14 -4.22 -2.88 -23.78
CA SER A 14 -3.26 -3.66 -23.01
C SER A 14 -2.94 -2.98 -21.69
N TYR A 15 -2.95 -1.65 -21.69
CA TYR A 15 -2.68 -0.88 -20.49
C TYR A 15 -3.85 -1.06 -19.50
N VAL A 16 -5.07 -1.01 -20.02
CA VAL A 16 -6.27 -1.18 -19.19
C VAL A 16 -6.27 -2.58 -18.56
N GLU A 17 -5.92 -3.60 -19.35
CA GLU A 17 -5.89 -4.95 -18.83
C GLU A 17 -4.79 -5.10 -17.79
N ALA A 18 -3.70 -4.36 -17.97
CA ALA A 18 -2.60 -4.42 -17.02
C ALA A 18 -3.04 -3.79 -15.68
N LEU A 19 -3.86 -2.74 -15.77
CA LEU A 19 -4.32 -2.09 -14.55
C LEU A 19 -5.23 -3.02 -13.76
N LYS A 20 -6.16 -3.69 -14.44
CA LYS A 20 -7.05 -4.60 -13.74
C LYS A 20 -6.28 -5.76 -13.12
N ARG A 21 -5.31 -6.26 -13.87
CA ARG A 21 -4.52 -7.39 -13.42
C ARG A 21 -3.55 -7.11 -12.26
N HIS A 22 -2.95 -5.92 -12.22
CA HIS A 22 -1.97 -5.62 -11.18
C HIS A 22 -2.38 -4.64 -10.07
N VAL A 23 -3.39 -3.82 -10.30
CA VAL A 23 -3.79 -2.88 -9.28
C VAL A 23 -5.15 -3.23 -8.69
N PRO A 24 -5.19 -3.51 -7.38
CA PRO A 24 -6.47 -3.85 -6.74
C PRO A 24 -7.27 -2.56 -6.52
N GLY A 25 -8.57 -2.60 -6.81
CA GLY A 25 -9.39 -1.40 -6.64
C GLY A 25 -9.12 -0.37 -7.71
N ASP A 26 -9.38 0.90 -7.40
CA ASP A 26 -9.17 1.98 -8.37
C ASP A 26 -7.75 2.51 -8.27
N PRO A 27 -7.00 2.50 -9.39
CA PRO A 27 -5.62 2.99 -9.38
C PRO A 27 -5.54 4.41 -8.82
N ASP A 28 -4.57 4.63 -7.93
CA ASP A 28 -4.38 5.94 -7.29
C ASP A 28 -5.62 6.39 -6.53
N GLY A 29 -6.50 5.44 -6.19
CA GLY A 29 -7.71 5.79 -5.49
C GLY A 29 -8.64 6.61 -6.36
N TRP A 30 -8.44 6.52 -7.67
CA TRP A 30 -9.24 7.26 -8.64
C TRP A 30 -9.65 6.23 -9.70
N PRO A 31 -10.96 6.04 -9.91
CA PRO A 31 -11.50 5.07 -10.88
C PRO A 31 -11.04 5.27 -12.34
N THR A 32 -10.48 4.22 -12.92
CA THR A 32 -9.99 4.26 -14.29
C THR A 32 -11.12 4.65 -15.23
N PRO A 33 -10.91 5.70 -16.04
CA PRO A 33 -11.92 6.19 -16.99
C PRO A 33 -11.98 5.39 -18.29
N GLU A 34 -13.16 5.37 -18.91
CA GLU A 34 -13.34 4.67 -20.19
C GLU A 34 -12.84 5.63 -21.28
N TRP A 35 -12.32 5.07 -22.37
CA TRP A 35 -11.80 5.91 -23.43
C TRP A 35 -11.66 5.23 -24.78
N THR A 36 -11.85 6.03 -25.84
CA THR A 36 -11.70 5.59 -27.22
C THR A 36 -11.21 6.85 -27.90
N PRO A 37 -10.65 6.75 -29.11
CA PRO A 37 -10.18 7.96 -29.79
C PRO A 37 -11.32 8.96 -30.06
N GLN A 38 -12.51 8.42 -30.31
CA GLN A 38 -13.67 9.28 -30.58
C GLN A 38 -14.09 10.20 -29.42
N LEU A 39 -13.87 9.76 -28.18
CA LEU A 39 -14.24 10.57 -27.03
C LEU A 39 -13.36 11.81 -27.02
N THR A 40 -12.05 11.65 -27.21
CA THR A 40 -11.16 12.79 -27.24
C THR A 40 -11.50 13.73 -28.40
N LEU A 41 -11.66 13.15 -29.58
CA LEU A 41 -11.99 13.92 -30.76
C LEU A 41 -13.30 14.71 -30.63
N ASN A 42 -14.35 14.08 -30.10
CA ASN A 42 -15.62 14.77 -29.92
C ASN A 42 -15.46 15.86 -28.85
N PHE A 43 -14.63 15.62 -27.84
CA PHE A 43 -14.40 16.63 -26.81
C PHE A 43 -13.71 17.83 -27.45
N ARG A 45 -13.93 18.87 -30.64
CA ARG A 45 -14.87 19.66 -31.45
C ARG A 45 -15.75 20.53 -30.55
N ASP A 46 -16.24 19.93 -29.46
CA ASP A 46 -17.10 20.65 -28.52
C ASP A 46 -16.43 21.73 -27.68
N ASN A 47 -15.09 21.77 -27.68
CA ASN A 47 -14.38 22.75 -26.88
C ASN A 47 -13.35 23.59 -27.62
N ASP A 48 -13.54 23.70 -28.94
CA ASP A 48 -12.65 24.49 -29.78
C ASP A 48 -11.17 24.13 -29.63
N ILE A 49 -10.88 22.84 -29.66
CA ILE A 49 -9.51 22.36 -29.56
C ILE A 49 -9.17 21.81 -30.92
N SER A 50 -8.15 22.38 -31.56
CA SER A 50 -7.77 21.92 -32.89
C SER A 50 -6.67 20.88 -32.86
N TYR A 51 -5.96 20.79 -31.75
CA TYR A 51 -4.88 19.82 -31.67
C TYR A 51 -4.59 19.36 -30.25
N SER A 52 -4.44 18.05 -30.07
CA SER A 52 -4.15 17.47 -28.76
C SER A 52 -2.86 16.64 -28.80
N ILE A 53 -1.99 16.85 -27.82
CA ILE A 53 -0.77 16.04 -27.76
C ILE A 53 -1.02 14.95 -26.73
N LEU A 54 -1.40 13.77 -27.20
CA LEU A 54 -1.70 12.65 -26.31
C LEU A 54 -0.50 12.09 -25.54
N SER A 55 -0.77 11.60 -24.33
CA SER A 55 0.26 11.01 -23.49
C SER A 55 -0.39 9.98 -22.57
N LEU A 56 0.41 9.00 -22.14
CA LEU A 56 -0.07 7.98 -21.23
C LEU A 56 -0.03 8.56 -19.82
N SER A 57 -1.12 8.42 -19.08
CA SER A 57 -1.20 8.93 -17.71
C SER A 57 -0.60 7.95 -16.71
N SER A 58 -0.73 8.24 -15.42
CA SER A 58 -0.21 7.35 -14.40
C SER A 58 -1.38 6.46 -13.98
N PRO A 59 -1.10 5.33 -13.33
CA PRO A 59 0.22 4.79 -12.94
C PRO A 59 1.11 4.43 -14.13
N HIS A 60 2.41 4.59 -13.96
CA HIS A 60 3.39 4.25 -15.00
C HIS A 60 3.31 2.73 -15.14
N VAL A 61 3.75 2.20 -16.28
CA VAL A 61 3.68 0.76 -16.50
C VAL A 61 4.83 -0.07 -15.99
N ASN A 62 5.23 0.17 -14.74
CA ASN A 62 6.31 -0.60 -14.13
C ASN A 62 5.66 -1.43 -13.02
N PHE A 63 5.37 -2.68 -13.31
CA PHE A 63 4.74 -3.55 -12.32
C PHE A 63 5.67 -4.62 -11.75
N GLY A 64 6.97 -4.50 -12.04
CA GLY A 64 7.92 -5.47 -11.54
C GLY A 64 8.36 -6.50 -12.55
N ASP A 65 7.75 -6.47 -13.73
CA ASP A 65 8.10 -7.40 -14.80
C ASP A 65 8.69 -6.59 -15.96
N LYS A 66 9.99 -6.73 -16.18
CA LYS A 66 10.69 -5.99 -17.24
C LYS A 66 10.12 -6.22 -18.64
N ALA A 67 10.01 -7.47 -19.05
CA ALA A 67 9.48 -7.77 -20.38
C ALA A 67 8.09 -7.14 -20.58
N GLU A 68 7.25 -7.23 -19.56
CA GLU A 68 5.91 -6.67 -19.63
C GLU A 68 5.96 -5.14 -19.73
N THR A 69 6.84 -4.51 -18.97
CA THR A 69 6.99 -3.06 -19.02
C THR A 69 7.37 -2.62 -20.42
N ILE A 70 8.34 -3.30 -21.01
CA ILE A 70 8.80 -2.98 -22.35
C ILE A 70 7.72 -3.23 -23.40
N ARG A 71 6.90 -4.24 -23.15
CA ARG A 71 5.83 -4.60 -24.06
C ARG A 71 4.70 -3.57 -23.97
N LEU A 72 4.37 -3.15 -22.76
CA LEU A 72 3.31 -2.19 -22.55
C LEU A 72 3.67 -0.83 -23.13
N VAL A 73 4.93 -0.42 -22.93
CA VAL A 73 5.41 0.84 -23.47
C VAL A 73 5.34 0.81 -24.99
N GLU A 74 5.79 -0.29 -25.61
CA GLU A 74 5.76 -0.40 -27.06
C GLU A 74 4.32 -0.38 -27.59
N ALA A 75 3.40 -1.00 -26.87
CA ALA A 75 2.00 -1.03 -27.30
C ALA A 75 1.39 0.37 -27.20
N ALA A 76 1.82 1.12 -26.20
CA ALA A 76 1.30 2.48 -25.99
C ALA A 76 1.86 3.44 -27.04
N ASN A 77 3.12 3.27 -27.38
CA ASN A 77 3.71 4.14 -28.38
C ASN A 77 3.21 3.81 -29.78
N ASP A 78 2.91 2.55 -30.05
CA ASP A 78 2.38 2.17 -31.35
C ASP A 78 0.99 2.82 -31.51
N ASP A 79 0.20 2.79 -30.45
CA ASP A 79 -1.14 3.37 -30.45
C ASP A 79 -1.03 4.88 -30.69
N GLY A 80 -0.11 5.52 -29.98
CA GLY A 80 0.08 6.95 -30.14
C GLY A 80 0.47 7.29 -31.57
N LYS A 81 1.39 6.50 -32.12
CA LYS A 81 1.86 6.71 -33.48
C LYS A 81 0.72 6.47 -34.47
N SER A 82 0.00 5.37 -34.28
CA SER A 82 -1.12 5.02 -35.14
C SER A 82 -2.22 6.09 -35.16
N LEU A 83 -2.40 6.77 -34.03
CA LEU A 83 -3.40 7.82 -33.93
C LEU A 83 -2.92 9.07 -34.67
N ALA A 84 -1.63 9.36 -34.58
CA ALA A 84 -1.08 10.53 -35.24
C ALA A 84 -1.16 10.33 -36.76
N GLN A 85 -1.03 9.09 -37.22
CA GLN A 85 -1.12 8.80 -38.65
C GLN A 85 -2.57 8.80 -39.12
N GLN A 86 -3.50 8.45 -38.24
CA GLN A 86 -4.90 8.42 -38.62
C GLN A 86 -5.54 9.81 -38.54
N TYR A 87 -5.07 10.64 -37.60
CA TYR A 87 -5.59 11.99 -37.45
C TYR A 87 -4.45 13.00 -37.36
N PRO A 88 -3.64 13.10 -38.41
CA PRO A 88 -2.49 14.01 -38.48
C PRO A 88 -2.78 15.43 -38.02
N ASP A 89 -3.99 15.91 -38.31
CA ASP A 89 -4.34 17.26 -37.94
C ASP A 89 -4.99 17.45 -36.57
N GLN A 90 -5.45 16.38 -35.94
CA GLN A 90 -6.07 16.49 -34.62
C GLN A 90 -5.22 15.89 -33.49
N LEU A 91 -4.53 14.79 -33.77
CA LEU A 91 -3.76 14.13 -32.73
C LEU A 91 -2.28 13.89 -32.94
N GLY A 92 -1.53 14.14 -31.88
CA GLY A 92 -0.09 13.92 -31.85
C GLY A 92 0.14 13.14 -30.58
N TYR A 93 1.40 12.80 -30.26
CA TYR A 93 1.64 12.06 -29.05
C TYR A 93 3.04 12.16 -28.51
N LEU A 94 3.16 11.93 -27.21
CA LEU A 94 4.42 11.91 -26.49
C LEU A 94 4.65 10.44 -26.16
N ALA A 95 5.84 9.94 -26.43
CA ALA A 95 6.14 8.55 -26.15
C ALA A 95 6.45 8.27 -24.68
N SER A 96 6.07 7.07 -24.22
CA SER A 96 6.37 6.67 -22.85
C SER A 96 7.71 5.96 -22.89
N LEU A 97 8.38 5.84 -21.74
CA LEU A 97 9.67 5.18 -21.69
C LEU A 97 9.68 4.02 -20.71
N PRO A 98 10.36 2.92 -21.07
CA PRO A 98 10.44 1.72 -20.23
C PRO A 98 11.31 1.93 -18.99
N ILE A 99 11.12 3.05 -18.32
CA ILE A 99 11.86 3.34 -17.09
C ILE A 99 11.40 2.26 -16.10
N PRO A 100 12.27 1.84 -15.16
CA PRO A 100 13.66 2.20 -14.84
C PRO A 100 14.77 1.47 -15.59
N TYR A 101 14.48 0.94 -16.77
CA TYR A 101 15.51 0.22 -17.51
C TYR A 101 16.25 1.18 -18.43
N GLU A 102 17.31 1.79 -17.90
CA GLU A 102 18.09 2.78 -18.64
C GLU A 102 18.43 2.49 -20.09
N LEU A 103 19.13 1.39 -20.34
CA LEU A 103 19.54 1.09 -21.70
C LEU A 103 18.35 0.91 -22.63
N ASP A 104 17.31 0.26 -22.12
CA ASP A 104 16.10 0.02 -22.91
C ASP A 104 15.37 1.34 -23.20
N ALA A 105 15.35 2.23 -22.23
CA ALA A 105 14.71 3.52 -22.38
C ALA A 105 15.48 4.34 -23.42
N VAL A 106 16.80 4.26 -23.39
CA VAL A 106 17.66 4.98 -24.33
C VAL A 106 17.24 4.57 -25.73
N LYS A 107 16.96 3.28 -25.89
CA LYS A 107 16.54 2.72 -27.15
C LYS A 107 15.16 3.26 -27.58
N THR A 108 14.24 3.37 -26.62
CA THR A 108 12.91 3.87 -26.93
C THR A 108 12.92 5.34 -27.34
N VAL A 109 13.80 6.11 -26.71
CA VAL A 109 13.93 7.53 -27.04
C VAL A 109 14.38 7.71 -28.50
N GLN A 110 15.46 7.05 -28.87
CA GLN A 110 15.99 7.15 -30.24
C GLN A 110 14.95 6.75 -31.26
N GLN A 111 14.34 5.60 -31.05
CA GLN A 111 13.33 5.09 -31.95
C GLN A 111 12.09 5.99 -32.04
N ALA A 112 11.55 6.34 -30.88
CA ALA A 112 10.34 7.17 -30.80
C ALA A 112 10.50 8.52 -31.50
N LEU A 113 11.59 9.20 -31.20
CA LEU A 113 11.86 10.51 -31.78
C LEU A 113 12.43 10.49 -33.20
N ASP A 114 13.36 9.58 -33.48
CA ASP A 114 13.97 9.53 -34.80
C ASP A 114 13.15 8.89 -35.92
N GLN A 115 12.16 8.07 -35.59
CA GLN A 115 11.40 7.43 -36.66
C GLN A 115 9.92 7.14 -36.44
N ASP A 116 9.46 7.18 -35.19
CA ASP A 116 8.06 6.89 -34.95
C ASP A 116 7.14 8.11 -34.85
N GLY A 117 7.71 9.28 -35.13
CA GLY A 117 6.91 10.49 -35.10
C GLY A 117 6.44 11.03 -33.76
N ALA A 118 7.12 10.71 -32.68
CA ALA A 118 6.71 11.22 -31.38
C ALA A 118 7.11 12.70 -31.31
N LEU A 119 6.28 13.53 -30.67
CA LEU A 119 6.58 14.96 -30.55
C LEU A 119 7.51 15.16 -29.36
N GLY A 120 7.74 14.08 -28.63
CA GLY A 120 8.60 14.13 -27.45
C GLY A 120 8.26 12.97 -26.54
N VAL A 121 8.61 13.07 -25.26
CA VAL A 121 8.31 11.97 -24.35
C VAL A 121 7.59 12.45 -23.10
N THR A 122 6.93 11.49 -22.45
CA THR A 122 6.25 11.76 -21.19
C THR A 122 6.89 10.82 -20.19
N VAL A 123 7.16 11.33 -18.99
CA VAL A 123 7.80 10.50 -17.97
C VAL A 123 7.12 10.64 -16.61
N PRO A 124 7.15 9.58 -15.80
CA PRO A 124 6.55 9.62 -14.47
C PRO A 124 7.47 10.32 -13.50
N THR A 125 6.90 11.12 -12.60
CA THR A 125 7.71 11.81 -11.60
C THR A 125 8.52 10.75 -10.91
N ASN A 126 7.92 9.59 -10.69
CA ASN A 126 8.61 8.45 -10.07
C ASN A 126 7.97 7.17 -10.55
N SER A 127 8.80 6.17 -10.83
CA SER A 127 8.30 4.88 -11.28
C SER A 127 8.68 3.92 -10.18
N ARG A 128 7.69 3.52 -9.39
CA ARG A 128 7.90 2.61 -8.27
C ARG A 128 9.11 2.99 -7.41
N GLY A 129 9.36 4.28 -7.23
CA GLY A 129 10.48 4.68 -6.40
C GLY A 129 11.66 5.34 -7.08
N LEU A 130 11.77 5.19 -8.40
CA LEU A 130 12.86 5.84 -9.12
C LEU A 130 12.31 7.18 -9.60
N TYR A 131 12.72 8.25 -8.94
CA TYR A 131 12.26 9.59 -9.28
C TYR A 131 13.03 10.17 -10.46
N PHE A 132 12.33 10.88 -11.34
CA PHE A 132 12.98 11.46 -12.49
C PHE A 132 14.07 12.38 -11.97
N GLY A 133 15.17 12.47 -12.70
CA GLY A 133 16.27 13.31 -12.28
C GLY A 133 17.36 12.42 -11.71
N SER A 134 16.99 11.19 -11.33
CA SER A 134 17.96 10.23 -10.78
C SER A 134 19.05 9.90 -11.77
N PRO A 135 20.32 9.89 -11.31
CA PRO A 135 21.44 9.57 -12.21
C PRO A 135 21.38 8.16 -12.81
N VAL A 136 20.39 7.38 -12.37
CA VAL A 136 20.22 6.03 -12.87
C VAL A 136 19.80 6.10 -14.34
N LEU A 137 19.31 7.27 -14.73
CA LEU A 137 18.84 7.50 -16.09
C LEU A 137 19.65 8.52 -16.90
N GLU A 138 20.89 8.77 -16.51
CA GLU A 138 21.71 9.73 -17.23
C GLU A 138 21.73 9.50 -18.73
N ARG A 139 22.02 8.28 -19.15
CA ARG A 139 22.07 8.01 -20.59
C ARG A 139 20.78 8.38 -21.29
N VAL A 140 19.66 8.30 -20.56
CA VAL A 140 18.37 8.65 -21.13
C VAL A 140 18.30 10.16 -21.33
N TYR A 141 18.81 10.91 -20.36
CA TYR A 141 18.83 12.37 -20.46
C TYR A 141 19.68 12.82 -21.64
N GLN A 142 20.86 12.21 -21.78
CA GLN A 142 21.77 12.56 -22.85
C GLN A 142 21.11 12.39 -24.23
N GLU A 143 20.42 11.27 -24.42
CA GLU A 143 19.74 11.02 -25.69
C GLU A 143 18.64 12.05 -25.93
N LEU A 144 18.02 12.53 -24.85
CA LEU A 144 16.95 13.50 -24.94
C LEU A 144 17.49 14.90 -25.17
N ASP A 145 18.59 15.22 -24.52
CA ASP A 145 19.19 16.55 -24.69
C ASP A 145 19.76 16.71 -26.09
N ALA A 146 20.30 15.63 -26.64
CA ALA A 146 20.88 15.69 -27.97
C ALA A 146 19.82 16.01 -29.03
N ARG A 147 18.56 15.74 -28.69
CA ARG A 147 17.48 15.99 -29.64
C ARG A 147 16.63 17.19 -29.22
N GLN A 148 17.06 17.91 -28.18
CA GLN A 148 16.31 19.08 -27.71
C GLN A 148 14.85 18.68 -27.54
N ALA A 149 14.66 17.48 -26.99
CA ALA A 149 13.34 16.92 -26.81
C ALA A 149 12.46 17.57 -25.73
N ILE A 150 11.16 17.47 -25.96
CA ILE A 150 10.17 17.96 -25.01
C ILE A 150 9.98 16.79 -24.03
N VAL A 151 10.11 17.05 -22.74
CA VAL A 151 9.92 16.02 -21.73
C VAL A 151 8.83 16.48 -20.79
N ALA A 152 7.69 15.80 -20.82
CA ALA A 152 6.57 16.16 -19.96
C ALA A 152 6.48 15.23 -18.75
N LEU A 153 6.63 15.81 -17.57
CA LEU A 153 6.53 15.05 -16.33
C LEU A 153 5.06 14.81 -16.03
N HIS A 154 4.75 13.64 -15.48
CA HIS A 154 3.38 13.39 -15.08
C HIS A 154 3.44 12.77 -13.68
N PRO A 155 2.72 13.39 -12.74
CA PRO A 155 2.74 12.89 -11.37
C PRO A 155 2.19 11.47 -11.19
N ASN A 156 2.83 10.77 -10.27
CA ASN A 156 2.42 9.42 -9.89
C ASN A 156 2.31 9.46 -8.38
N GLU A 157 1.65 8.45 -7.80
CA GLU A 157 1.50 8.37 -6.37
C GLU A 157 2.92 8.33 -5.78
N PRO A 158 3.17 9.13 -4.73
CA PRO A 158 4.50 9.15 -4.10
C PRO A 158 4.89 7.72 -3.73
N ALA A 159 6.17 7.37 -3.87
CA ALA A 159 6.64 6.02 -3.55
C ALA A 159 6.06 5.51 -2.24
N ILE A 160 6.16 6.32 -1.19
CA ILE A 160 5.61 5.95 0.11
C ILE A 160 5.16 7.19 0.87
N LEU A 161 4.14 7.01 1.71
CA LEU A 161 3.58 8.11 2.51
C LEU A 161 3.13 7.61 3.87
N PRO A 162 2.92 8.52 4.83
CA PRO A 162 2.47 8.13 6.17
C PRO A 162 1.17 7.32 6.03
N LYS A 163 1.08 6.22 6.77
CA LYS A 163 -0.08 5.33 6.70
C LYS A 163 -1.34 5.85 7.39
N ASN A 164 -1.17 6.51 8.53
CA ASN A 164 -2.31 7.01 9.30
C ASN A 164 -2.62 8.49 9.17
N VAL A 165 -2.78 8.96 7.94
CA VAL A 165 -3.13 10.35 7.70
C VAL A 165 -3.82 10.43 6.33
N ASP A 166 -4.83 11.29 6.22
CA ASP A 166 -5.56 11.47 4.97
C ASP A 166 -6.05 10.13 4.41
N ILE A 167 -6.31 9.17 5.29
CA ILE A 167 -6.78 7.85 4.88
C ILE A 167 -7.87 7.89 3.82
N ASP A 168 -7.60 7.22 2.70
CA ASP A 168 -8.52 7.13 1.57
C ASP A 168 -8.65 8.40 0.72
N LEU A 169 -7.78 9.37 0.96
CA LEU A 169 -7.83 10.60 0.16
C LEU A 169 -7.27 10.25 -1.21
N PRO A 170 -8.06 10.45 -2.28
CA PRO A 170 -7.55 10.11 -3.62
C PRO A 170 -6.16 10.73 -3.85
N VAL A 171 -5.27 9.94 -4.44
CA VAL A 171 -3.90 10.34 -4.71
C VAL A 171 -3.72 11.63 -5.54
N PRO A 172 -4.55 11.80 -6.58
CA PRO A 172 -4.43 13.01 -7.42
C PRO A 172 -4.71 14.34 -6.71
N LEU A 173 -5.45 14.30 -5.61
CA LEU A 173 -5.79 15.51 -4.87
C LEU A 173 -4.63 16.17 -4.11
N LEU A 174 -3.75 15.37 -3.53
CA LEU A 174 -2.61 15.92 -2.79
C LEU A 174 -1.30 15.18 -3.14
N GLY A 175 -1.40 13.86 -3.31
CA GLY A 175 -0.23 13.08 -3.63
C GLY A 175 0.48 13.49 -4.90
N PHE A 176 -0.27 13.67 -5.98
CA PHE A 176 0.33 14.08 -7.24
C PHE A 176 1.16 15.35 -7.07
N PHE A 177 0.59 16.35 -6.40
CA PHE A 177 1.31 17.59 -6.20
C PHE A 177 2.57 17.42 -5.38
N ASP A 179 4.36 14.83 -5.23
CA ASP A 179 5.34 14.13 -6.06
C ASP A 179 5.99 15.02 -7.12
N THR A 180 5.19 15.85 -7.78
CA THR A 180 5.74 16.73 -8.79
C THR A 180 6.72 17.68 -8.12
N THR A 181 6.34 18.15 -6.94
CA THR A 181 7.18 19.08 -6.20
C THR A 181 8.49 18.44 -5.78
N THR A 183 9.91 15.89 -7.15
CA THR A 183 10.68 15.61 -8.35
C THR A 183 11.41 16.82 -8.92
N PHE A 184 10.75 17.98 -8.94
CA PHE A 184 11.38 19.20 -9.44
C PHE A 184 12.63 19.53 -8.64
N ILE A 185 12.53 19.45 -7.32
CA ILE A 185 13.65 19.75 -6.48
C ILE A 185 14.75 18.72 -6.68
N ASN A 186 14.35 17.46 -6.90
CA ASN A 186 15.32 16.41 -7.11
C ASN A 186 16.14 16.78 -8.34
N LEU A 188 16.70 19.74 -9.35
CA LEU A 188 17.58 20.85 -9.01
C LEU A 188 18.85 20.27 -8.42
N LYS A 189 18.67 19.40 -7.43
CA LYS A 189 19.77 18.75 -6.74
C LYS A 189 20.79 18.12 -7.70
N TYR A 190 20.31 17.47 -8.76
CA TYR A 190 21.20 16.83 -9.72
C TYR A 190 21.63 17.68 -10.90
N HIS A 191 21.38 18.99 -10.82
CA HIS A 191 21.76 19.93 -11.86
C HIS A 191 21.23 19.54 -13.23
N PHE A 192 20.02 19.00 -13.25
CA PHE A 192 19.41 18.56 -14.50
C PHE A 192 19.34 19.65 -15.59
N PHE A 193 18.80 20.81 -15.23
CA PHE A 193 18.65 21.90 -16.20
C PHE A 193 19.97 22.51 -16.66
N GLU A 194 20.98 22.39 -15.80
CA GLU A 194 22.32 22.90 -16.06
C GLU A 194 23.02 21.93 -17.02
N LYS A 195 22.86 20.63 -16.78
CA LYS A 195 23.51 19.61 -17.60
C LYS A 195 22.75 19.28 -18.91
N TYR A 196 21.44 19.45 -18.91
CA TYR A 196 20.65 19.18 -20.10
C TYR A 196 19.77 20.38 -20.44
N PRO A 197 20.40 21.52 -20.73
CA PRO A 197 19.75 22.79 -21.06
C PRO A 197 18.86 22.76 -22.29
N ASN A 198 19.14 21.81 -23.19
CA ASN A 198 18.38 21.69 -24.43
C ASN A 198 17.05 21.00 -24.30
N ILE A 199 16.85 20.29 -23.21
CA ILE A 199 15.58 19.60 -23.00
C ILE A 199 14.55 20.64 -22.59
N LYS A 200 13.34 20.50 -23.10
CA LYS A 200 12.26 21.42 -22.76
C LYS A 200 11.33 20.65 -21.85
N VAL A 201 11.44 20.92 -20.56
CA VAL A 201 10.65 20.26 -19.54
C VAL A 201 9.33 20.92 -19.22
N ILE A 202 8.24 20.17 -19.41
CA ILE A 202 6.91 20.68 -19.10
C ILE A 202 6.52 20.12 -17.72
N ILE A 203 6.32 21.01 -16.75
CA ILE A 203 5.90 20.58 -15.41
C ILE A 203 4.38 20.79 -15.35
N PRO A 204 3.62 19.71 -15.13
CA PRO A 204 2.16 19.74 -15.07
C PRO A 204 1.49 20.45 -13.90
N HIS A 205 0.19 20.72 -14.08
CA HIS A 205 -0.66 21.36 -13.07
C HIS A 205 -0.11 22.66 -12.49
N ALA A 206 0.30 23.56 -13.37
CA ALA A 206 0.81 24.86 -12.96
C ALA A 206 1.94 24.81 -11.92
N GLY A 207 2.77 23.79 -12.00
CA GLY A 207 3.90 23.68 -11.08
C GLY A 207 3.63 23.14 -9.69
N ALA A 208 2.45 22.55 -9.52
CA ALA A 208 2.06 21.97 -8.23
C ALA A 208 2.33 22.98 -7.11
N PHE A 209 3.24 22.66 -6.20
CA PHE A 209 3.56 23.55 -5.08
C PHE A 209 4.76 24.46 -5.30
N LEU A 210 5.34 24.43 -6.50
CA LEU A 210 6.50 25.27 -6.76
C LEU A 210 6.22 26.75 -6.46
N GLY A 211 5.01 27.21 -6.79
CA GLY A 211 4.64 28.59 -6.53
C GLY A 211 4.89 29.03 -5.10
N ILE A 212 4.85 28.09 -4.16
CA ILE A 212 5.08 28.43 -2.75
C ILE A 212 6.43 28.00 -2.17
N VAL A 213 6.96 26.84 -2.56
CA VAL A 213 8.24 26.41 -1.99
C VAL A 213 9.47 27.10 -2.54
N ASP A 214 9.42 27.52 -3.80
CA ASP A 214 10.57 28.19 -4.41
C ASP A 214 11.22 29.21 -3.49
N ASP A 215 10.43 30.12 -2.95
CA ASP A 215 10.96 31.16 -2.08
C ASP A 215 11.56 30.62 -0.80
N ARG A 216 11.11 29.44 -0.41
CA ARG A 216 11.59 28.83 0.82
C ARG A 216 12.92 28.11 0.62
N ILE A 217 13.10 27.49 -0.55
CA ILE A 217 14.31 26.74 -0.83
C ILE A 217 15.34 27.55 -1.63
N ALA A 218 14.92 28.70 -2.15
CA ALA A 218 15.80 29.54 -2.95
C ALA A 218 17.24 29.61 -2.39
N GLN A 219 17.35 29.94 -1.11
CA GLN A 219 18.65 30.08 -0.46
C GLN A 219 19.47 28.79 -0.48
N TYR A 220 18.87 27.70 0.00
CA TYR A 220 19.53 26.41 0.06
C TYR A 220 19.97 25.97 -1.34
N ALA A 221 19.06 26.09 -2.30
CA ALA A 221 19.36 25.69 -3.68
C ALA A 221 20.52 26.49 -4.25
N GLN A 222 20.61 27.76 -3.88
CA GLN A 222 21.70 28.61 -4.38
C GLN A 222 23.02 28.19 -3.72
N LYS A 223 23.00 28.06 -2.41
CA LYS A 223 24.18 27.70 -1.65
C LYS A 223 24.65 26.24 -1.83
N VAL A 224 23.73 25.28 -1.70
CA VAL A 224 24.10 23.88 -1.80
C VAL A 224 24.03 23.26 -3.19
N TYR A 225 23.08 23.68 -4.02
CA TYR A 225 22.98 23.12 -5.36
C TYR A 225 23.62 24.01 -6.41
N GLN A 226 24.03 25.22 -6.00
CA GLN A 226 24.64 26.16 -6.93
C GLN A 226 23.67 26.44 -8.08
N VAL A 227 22.38 26.48 -7.76
CA VAL A 227 21.34 26.73 -8.74
C VAL A 227 20.41 27.89 -8.33
N ASP A 228 20.01 28.70 -9.31
CA ASP A 228 19.12 29.82 -9.04
C ASP A 228 17.73 29.33 -9.45
N VAL A 229 16.92 28.96 -8.46
CA VAL A 229 15.59 28.43 -8.74
C VAL A 229 14.75 29.34 -9.62
N TYR A 230 14.90 30.65 -9.45
CA TYR A 230 14.16 31.63 -10.23
C TYR A 230 14.54 31.60 -11.71
N ASP A 231 15.80 31.31 -12.01
CA ASP A 231 16.20 31.22 -13.42
C ASP A 231 15.60 29.95 -14.01
N VAL A 232 15.59 28.88 -13.22
CA VAL A 232 15.04 27.61 -13.69
C VAL A 232 13.54 27.74 -13.97
N HIS A 234 12.12 30.16 -15.14
CA HIS A 234 11.97 30.89 -16.40
C HIS A 234 12.29 29.95 -17.55
N HIS A 235 13.15 28.97 -17.28
CA HIS A 235 13.62 28.02 -18.27
C HIS A 235 12.67 26.89 -18.64
N VAL A 236 11.92 26.37 -17.68
CA VAL A 236 11.01 25.28 -17.97
C VAL A 236 9.64 25.75 -18.44
N TYR A 237 8.76 24.78 -18.72
CA TYR A 237 7.41 25.07 -19.17
C TYR A 237 6.41 24.55 -18.15
N PHE A 238 5.15 24.97 -18.29
CA PHE A 238 4.11 24.57 -17.38
C PHE A 238 2.79 24.40 -18.13
N ASP A 239 2.08 23.31 -17.89
CA ASP A 239 0.77 23.20 -18.52
C ASP A 239 -0.14 23.75 -17.40
N VAL A 240 -1.41 24.02 -17.69
CA VAL A 240 -2.27 24.57 -16.65
C VAL A 240 -3.54 23.77 -16.40
N ALA A 241 -3.41 22.45 -16.35
CA ALA A 241 -4.56 21.60 -16.09
C ALA A 241 -4.88 21.70 -14.60
N GLY A 242 -6.13 21.44 -14.22
CA GLY A 242 -6.50 21.50 -12.81
C GLY A 242 -7.12 22.80 -12.36
N ALA A 243 -7.31 22.92 -11.05
CA ALA A 243 -7.90 24.11 -10.44
C ALA A 243 -6.89 25.24 -10.29
N VAL A 244 -6.38 25.72 -11.41
CA VAL A 244 -5.38 26.77 -11.43
C VAL A 244 -5.87 28.16 -11.05
N LEU A 245 -7.18 28.37 -11.09
CA LEU A 245 -7.72 29.68 -10.73
C LEU A 245 -8.48 29.54 -9.42
N PRO A 246 -8.57 30.62 -8.64
CA PRO A 246 -8.01 31.96 -8.90
C PRO A 246 -6.67 32.22 -8.22
N ARG A 247 -6.09 31.20 -7.59
CA ARG A 247 -4.83 31.41 -6.90
C ARG A 247 -3.56 30.85 -7.52
N GLN A 248 -3.54 29.55 -7.83
CA GLN A 248 -2.36 28.90 -8.38
C GLN A 248 -1.72 29.55 -9.60
N LEU A 249 -2.43 29.59 -10.71
CA LEU A 249 -1.88 30.19 -11.94
C LEU A 249 -1.32 31.60 -11.72
N PRO A 250 -2.10 32.49 -11.07
CA PRO A 250 -1.62 33.85 -10.84
C PRO A 250 -0.27 33.89 -10.09
N THR A 251 -0.09 33.00 -9.12
CA THR A 251 1.17 32.96 -8.38
C THR A 251 2.30 32.53 -9.33
N LEU A 252 2.04 31.48 -10.10
CA LEU A 252 3.01 30.94 -11.03
C LEU A 252 3.49 31.96 -12.07
N SER A 254 4.25 34.96 -11.69
CA SER A 254 5.24 35.89 -11.18
C SER A 254 6.61 35.20 -11.20
N LEU A 255 6.62 33.93 -11.60
CA LEU A 255 7.85 33.13 -11.66
C LEU A 255 8.12 32.56 -13.04
N ALA A 256 7.06 32.17 -13.75
CA ALA A 256 7.17 31.59 -15.07
C ALA A 256 7.23 32.60 -16.19
N GLN A 257 7.79 32.19 -17.32
CA GLN A 257 7.89 33.04 -18.48
C GLN A 257 6.52 32.98 -19.17
N PRO A 258 6.01 34.14 -19.63
CA PRO A 258 4.70 34.22 -20.30
C PRO A 258 4.53 33.27 -21.47
N GLU A 259 5.58 33.08 -22.25
CA GLU A 259 5.54 32.21 -23.43
C GLU A 259 5.67 30.72 -23.09
N HIS A 260 5.93 30.39 -21.83
CA HIS A 260 6.09 29.00 -21.44
C HIS A 260 4.89 28.37 -20.73
N LEU A 261 3.72 29.01 -20.85
CA LEU A 261 2.52 28.49 -20.22
C LEU A 261 1.66 27.78 -21.26
N LEU A 262 1.36 26.51 -21.02
CA LEU A 262 0.60 25.72 -21.96
C LEU A 262 -0.74 25.24 -21.41
N TYR A 263 -1.77 25.26 -22.25
CA TYR A 263 -3.08 24.81 -21.86
C TYR A 263 -3.10 23.28 -21.72
N GLY A 264 -3.95 22.79 -20.83
CA GLY A 264 -4.10 21.35 -20.61
C GLY A 264 -5.50 21.07 -20.08
N SER A 265 -6.13 19.97 -20.53
CA SER A 265 -7.48 19.66 -20.06
C SER A 265 -7.51 18.49 -19.08
N ASP A 266 -6.59 17.56 -19.26
CA ASP A 266 -6.46 16.37 -18.42
C ASP A 266 -7.59 15.36 -18.56
N ILE A 267 -8.24 15.33 -19.73
CA ILE A 267 -9.30 14.37 -19.96
C ILE A 267 -8.59 13.07 -20.32
N PRO A 268 -9.23 11.90 -20.09
CA PRO A 268 -10.57 11.79 -19.52
C PRO A 268 -10.57 11.54 -18.00
N TYR A 269 -9.40 11.66 -17.38
CA TYR A 269 -9.31 11.44 -15.93
C TYR A 269 -10.13 12.49 -15.20
N THR A 270 -10.09 13.72 -15.70
CA THR A 270 -10.91 14.77 -15.14
C THR A 270 -12.17 14.62 -15.99
N PRO A 271 -13.35 14.48 -15.36
CA PRO A 271 -14.60 14.33 -16.12
C PRO A 271 -14.70 15.37 -17.22
N LEU A 272 -15.17 14.96 -18.39
CA LEU A 272 -15.28 15.89 -19.50
C LEU A 272 -16.03 17.20 -19.17
N ASP A 273 -17.12 17.12 -18.42
CA ASP A 273 -17.85 18.33 -18.07
C ASP A 273 -17.03 19.23 -17.15
N GLY A 274 -16.26 18.62 -16.26
CA GLY A 274 -15.44 19.40 -15.36
C GLY A 274 -14.29 20.06 -16.11
N SER A 275 -13.79 19.38 -17.14
CA SER A 275 -12.68 19.94 -17.90
C SER A 275 -13.18 21.10 -18.77
N ARG A 276 -14.38 20.94 -19.35
CA ARG A 276 -14.98 21.97 -20.17
C ARG A 276 -15.19 23.22 -19.30
N GLN A 277 -15.57 23.00 -18.04
CA GLN A 277 -15.80 24.12 -17.16
C GLN A 277 -14.48 24.79 -16.80
N LEU A 278 -13.42 24.00 -16.62
CA LEU A 278 -12.13 24.58 -16.28
C LEU A 278 -11.60 25.40 -17.45
N GLY A 279 -11.85 24.92 -18.66
CA GLY A 279 -11.40 25.64 -19.85
C GLY A 279 -12.17 26.92 -20.05
N HIS A 280 -13.47 26.87 -19.76
CA HIS A 280 -14.33 28.03 -19.90
C HIS A 280 -13.91 29.11 -18.90
N ALA A 281 -13.48 28.68 -17.72
CA ALA A 281 -13.04 29.61 -16.67
C ALA A 281 -11.78 30.35 -17.09
N LEU A 282 -10.87 29.66 -17.78
CA LEU A 282 -9.65 30.30 -18.22
C LEU A 282 -9.98 31.34 -19.28
N ALA A 283 -11.02 31.05 -20.05
CA ALA A 283 -11.45 31.93 -21.12
C ALA A 283 -12.13 33.21 -20.63
N THR A 284 -12.89 33.10 -19.54
CA THR A 284 -13.64 34.25 -19.03
C THR A 284 -13.10 34.94 -17.79
N THR A 285 -12.04 34.41 -17.20
CA THR A 285 -11.47 35.01 -15.99
C THR A 285 -10.94 36.43 -16.17
N ASP A 286 -11.02 37.22 -15.11
CA ASP A 286 -10.55 38.61 -15.10
C ASP A 286 -9.09 38.63 -14.66
N LEU A 287 -8.55 37.45 -14.37
CA LEU A 287 -7.17 37.36 -13.90
C LEU A 287 -6.15 37.25 -15.03
N LEU A 288 -6.64 37.16 -16.26
CA LEU A 288 -5.77 37.06 -17.42
C LEU A 288 -6.21 38.03 -18.51
N THR A 289 -5.23 38.67 -19.16
CA THR A 289 -5.52 39.59 -20.27
C THR A 289 -5.80 38.72 -21.48
N ASN A 290 -6.42 39.28 -22.51
CA ASN A 290 -6.71 38.52 -23.73
C ASN A 290 -5.45 37.98 -24.36
N GLU A 291 -4.36 38.71 -24.24
CA GLU A 291 -3.09 38.28 -24.82
C GLU A 291 -2.60 36.99 -24.12
N GLN A 292 -2.70 36.97 -22.80
CA GLN A 292 -2.28 35.81 -22.02
C GLN A 292 -3.18 34.60 -22.31
N LYS A 293 -4.50 34.85 -22.46
CA LYS A 293 -5.42 33.76 -22.77
C LYS A 293 -5.08 33.15 -24.12
N GLN A 294 -4.70 33.99 -25.07
CA GLN A 294 -4.33 33.55 -26.41
C GLN A 294 -3.02 32.76 -26.39
N ALA A 295 -2.07 33.22 -25.57
CA ALA A 295 -0.77 32.56 -25.45
C ALA A 295 -0.89 31.18 -24.83
N ILE A 296 -1.62 31.12 -23.73
CA ILE A 296 -1.83 29.89 -22.99
C ILE A 296 -2.60 28.85 -23.79
N PHE A 297 -3.63 29.30 -24.49
CA PHE A 297 -4.46 28.41 -25.29
C PHE A 297 -3.86 27.94 -26.62
N TYR A 298 -3.04 28.79 -27.24
CA TYR A 298 -2.51 28.41 -28.55
C TYR A 298 -1.08 28.83 -28.89
N ASP A 299 -0.81 30.13 -28.90
CA ASP A 299 0.52 30.63 -29.26
C ASP A 299 1.71 29.90 -28.64
N ASN A 300 1.75 29.76 -27.32
CA ASN A 300 2.88 29.10 -26.69
C ASN A 300 3.10 27.67 -27.19
N ALA A 301 2.03 26.89 -27.25
CA ALA A 301 2.13 25.52 -27.73
C ALA A 301 2.65 25.53 -29.17
N HIS A 302 1.97 26.29 -30.02
CA HIS A 302 2.32 26.40 -31.43
C HIS A 302 3.78 26.76 -31.65
N ARG A 303 4.30 27.72 -30.89
CA ARG A 303 5.69 28.15 -31.03
C ARG A 303 6.62 27.01 -30.69
N LEU A 304 6.28 26.28 -29.62
CA LEU A 304 7.07 25.15 -29.14
C LEU A 304 7.03 23.99 -30.14
N LEU A 305 5.90 23.79 -30.79
CA LEU A 305 5.78 22.69 -31.75
C LEU A 305 6.47 22.96 -33.08
N THR A 306 6.42 24.20 -33.55
CA THR A 306 7.04 24.55 -34.82
C THR A 306 8.57 24.65 -34.69
N GLU A 307 9.04 24.78 -33.46
CA GLU A 307 10.48 24.87 -33.18
C GLU A 307 11.20 23.55 -33.47
N SER B 2 -9.38 -36.67 21.87
CA SER B 2 -9.77 -35.52 21.02
C SER B 2 -8.80 -34.37 21.19
N LYS B 3 -8.89 -33.39 20.29
CA LYS B 3 -8.00 -32.24 20.34
C LYS B 3 -8.73 -30.95 20.67
N ILE B 4 -7.96 -29.98 21.17
CA ILE B 4 -8.48 -28.67 21.50
C ILE B 4 -7.75 -27.72 20.53
N ASP B 5 -8.51 -26.95 19.76
CA ASP B 5 -7.94 -26.03 18.79
C ASP B 5 -7.81 -24.61 19.33
N PHE B 6 -6.58 -24.14 19.52
CA PHE B 6 -6.37 -22.79 20.04
C PHE B 6 -6.10 -21.73 18.97
N HIS B 7 -6.21 -22.09 17.70
CA HIS B 7 -6.00 -21.12 16.64
C HIS B 7 -6.93 -21.47 15.49
N THR B 8 -8.17 -21.03 15.63
CA THR B 8 -9.23 -21.27 14.67
C THR B 8 -10.08 -19.98 14.62
N HIS B 9 -10.54 -19.58 13.43
CA HIS B 9 -11.27 -18.33 13.32
C HIS B 9 -12.73 -18.35 12.87
N TYR B 10 -13.37 -17.19 13.02
CA TYR B 10 -14.76 -17.00 12.61
C TYR B 10 -14.83 -15.62 12.01
N LEU B 11 -15.80 -15.38 11.13
CA LEU B 11 -15.94 -14.08 10.50
C LEU B 11 -17.33 -13.46 10.57
N PRO B 12 -17.57 -12.57 11.53
CA PRO B 12 -18.87 -11.90 11.69
C PRO B 12 -19.24 -11.22 10.37
N THR B 13 -20.53 -11.17 10.05
CA THR B 13 -20.98 -10.55 8.82
C THR B 13 -20.54 -9.08 8.70
N SER B 14 -20.57 -8.36 9.82
CA SER B 14 -20.17 -6.96 9.80
C SER B 14 -18.67 -6.84 9.53
N TYR B 15 -17.92 -7.87 9.91
CA TYR B 15 -16.47 -7.88 9.69
C TYR B 15 -16.19 -8.13 8.22
N VAL B 16 -17.00 -9.00 7.60
CA VAL B 16 -16.83 -9.32 6.20
C VAL B 16 -17.23 -8.13 5.34
N GLU B 17 -18.23 -7.37 5.80
CA GLU B 17 -18.69 -6.19 5.07
C GLU B 17 -17.64 -5.09 5.17
N ALA B 18 -16.99 -5.00 6.33
CA ALA B 18 -15.96 -4.00 6.56
C ALA B 18 -14.73 -4.24 5.67
N LEU B 19 -14.40 -5.51 5.44
CA LEU B 19 -13.27 -5.85 4.58
C LEU B 19 -13.55 -5.42 3.14
N LYS B 20 -14.73 -5.78 2.63
CA LYS B 20 -15.09 -5.42 1.26
C LYS B 20 -15.13 -3.90 1.11
N ARG B 21 -15.59 -3.22 2.14
CA ARG B 21 -15.69 -1.77 2.10
C ARG B 21 -14.37 -1.02 2.17
N HIS B 22 -13.47 -1.46 3.04
CA HIS B 22 -12.20 -0.76 3.20
C HIS B 22 -10.94 -1.35 2.55
N VAL B 23 -10.96 -2.63 2.21
CA VAL B 23 -9.78 -3.23 1.60
C VAL B 23 -9.98 -3.63 0.15
N PRO B 24 -9.23 -3.01 -0.77
CA PRO B 24 -9.34 -3.33 -2.19
C PRO B 24 -8.65 -4.68 -2.46
N GLY B 25 -9.23 -5.48 -3.35
CA GLY B 25 -8.63 -6.77 -3.63
C GLY B 25 -8.72 -7.69 -2.43
N ASP B 26 -7.85 -8.68 -2.39
CA ASP B 26 -7.84 -9.64 -1.29
C ASP B 26 -7.04 -9.13 -0.09
N PRO B 27 -7.63 -9.21 1.12
CA PRO B 27 -6.92 -8.74 2.31
C PRO B 27 -5.62 -9.53 2.49
N ASP B 28 -4.52 -8.82 2.78
CA ASP B 28 -3.21 -9.44 2.99
C ASP B 28 -2.76 -10.26 1.77
N GLY B 29 -3.34 -9.97 0.60
CA GLY B 29 -2.98 -10.72 -0.60
C GLY B 29 -3.43 -12.16 -0.48
N TRP B 30 -4.40 -12.39 0.39
CA TRP B 30 -4.97 -13.71 0.64
C TRP B 30 -6.48 -13.54 0.60
N PRO B 31 -7.17 -14.21 -0.33
CA PRO B 31 -8.62 -14.11 -0.46
C PRO B 31 -9.38 -14.50 0.81
N THR B 32 -10.37 -13.66 1.15
CA THR B 32 -11.19 -13.88 2.33
C THR B 32 -11.96 -15.18 2.16
N PRO B 33 -11.89 -16.08 3.15
CA PRO B 33 -12.56 -17.37 3.13
C PRO B 33 -14.01 -17.28 3.59
N GLU B 34 -14.86 -18.16 3.07
CA GLU B 34 -16.26 -18.16 3.47
C GLU B 34 -16.31 -18.84 4.82
N TRP B 35 -17.38 -18.62 5.59
CA TRP B 35 -17.49 -19.22 6.91
C TRP B 35 -18.87 -19.14 7.56
N THR B 36 -19.15 -20.16 8.37
CA THR B 36 -20.40 -20.27 9.12
C THR B 36 -20.04 -21.15 10.30
N PRO B 37 -20.74 -21.03 11.43
CA PRO B 37 -20.38 -21.88 12.56
C PRO B 37 -20.34 -23.35 12.11
N GLN B 38 -21.31 -23.71 11.27
CA GLN B 38 -21.40 -25.08 10.79
C GLN B 38 -20.13 -25.58 10.14
N LEU B 39 -19.40 -24.70 9.47
CA LEU B 39 -18.15 -25.10 8.82
C LEU B 39 -17.16 -25.57 9.89
N THR B 40 -16.99 -24.76 10.93
CA THR B 40 -16.07 -25.10 12.03
C THR B 40 -16.50 -26.38 12.73
N LEU B 41 -17.77 -26.45 13.13
CA LEU B 41 -18.29 -27.63 13.81
C LEU B 41 -18.07 -28.90 12.98
N ASN B 42 -18.39 -28.85 11.69
CA ASN B 42 -18.19 -30.01 10.83
C ASN B 42 -16.72 -30.39 10.76
N PHE B 43 -15.86 -29.37 10.72
CA PHE B 43 -14.43 -29.64 10.67
C PHE B 43 -13.98 -30.30 11.96
N ARG B 45 -15.78 -32.23 13.91
CA ARG B 45 -16.30 -33.60 13.88
C ARG B 45 -15.40 -34.48 13.03
N ASP B 46 -15.07 -34.02 11.83
CA ASP B 46 -14.22 -34.78 10.91
C ASP B 46 -12.74 -34.86 11.27
N ASN B 47 -12.33 -34.19 12.33
CA ASN B 47 -10.92 -34.24 12.70
C ASN B 47 -10.72 -34.45 14.19
N ASP B 48 -11.74 -35.04 14.81
CA ASP B 48 -11.74 -35.32 16.24
C ASP B 48 -11.28 -34.16 17.11
N ILE B 49 -11.92 -33.01 16.94
CA ILE B 49 -11.61 -31.84 17.76
C ILE B 49 -12.85 -31.66 18.62
N SER B 50 -12.67 -31.80 19.93
CA SER B 50 -13.80 -31.67 20.84
C SER B 50 -14.04 -30.23 21.28
N TYR B 51 -13.02 -29.38 21.18
CA TYR B 51 -13.17 -27.99 21.61
C TYR B 51 -12.32 -26.98 20.81
N SER B 52 -12.93 -25.87 20.41
CA SER B 52 -12.22 -24.82 19.66
C SER B 52 -12.33 -23.47 20.34
N ILE B 53 -11.20 -22.75 20.43
CA ILE B 53 -11.20 -21.42 21.02
C ILE B 53 -11.18 -20.40 19.86
N LEU B 54 -12.37 -19.97 19.45
CA LEU B 54 -12.53 -19.02 18.35
C LEU B 54 -11.91 -17.64 18.56
N SER B 55 -11.32 -17.12 17.50
CA SER B 55 -10.69 -15.80 17.55
C SER B 55 -10.77 -15.10 16.21
N LEU B 56 -10.89 -13.78 16.25
CA LEU B 56 -10.96 -12.98 15.04
C LEU B 56 -9.55 -12.91 14.48
N SER B 57 -9.43 -13.16 13.17
CA SER B 57 -8.13 -13.14 12.52
C SER B 57 -7.80 -11.71 12.07
N SER B 58 -6.77 -11.58 11.25
CA SER B 58 -6.38 -10.28 10.74
C SER B 58 -6.93 -10.17 9.31
N PRO B 59 -7.00 -8.96 8.74
CA PRO B 59 -6.62 -7.65 9.30
C PRO B 59 -7.46 -7.28 10.51
N HIS B 60 -6.86 -6.53 11.43
CA HIS B 60 -7.54 -6.06 12.62
C HIS B 60 -8.58 -5.05 12.15
N VAL B 61 -9.59 -4.76 12.97
CA VAL B 61 -10.64 -3.85 12.57
C VAL B 61 -10.41 -2.37 12.87
N ASN B 62 -9.21 -1.91 12.56
CA ASN B 62 -8.84 -0.51 12.74
C ASN B 62 -8.68 0.07 11.35
N PHE B 63 -9.72 0.73 10.86
CA PHE B 63 -9.68 1.31 9.52
C PHE B 63 -9.57 2.83 9.53
N GLY B 64 -9.39 3.42 10.70
CA GLY B 64 -9.27 4.87 10.78
C GLY B 64 -10.51 5.55 11.31
N ASP B 65 -11.54 4.77 11.60
CA ASP B 65 -12.80 5.28 12.13
C ASP B 65 -13.01 4.65 13.53
N LYS B 66 -12.78 5.44 14.58
CA LYS B 66 -12.92 4.94 15.95
C LYS B 66 -14.28 4.31 16.27
N ALA B 67 -15.36 5.04 16.05
CA ALA B 67 -16.70 4.51 16.33
C ALA B 67 -16.94 3.21 15.56
N GLU B 68 -16.39 3.11 14.35
CA GLU B 68 -16.56 1.90 13.55
C GLU B 68 -15.80 0.75 14.19
N THR B 69 -14.56 1.01 14.58
CA THR B 69 -13.72 0.00 15.21
C THR B 69 -14.37 -0.54 16.49
N ILE B 70 -14.91 0.36 17.31
CA ILE B 70 -15.57 -0.05 18.54
C ILE B 70 -16.83 -0.86 18.24
N ARG B 71 -17.51 -0.51 17.16
CA ARG B 71 -18.72 -1.19 16.75
C ARG B 71 -18.39 -2.59 16.23
N LEU B 72 -17.34 -2.69 15.40
CA LEU B 72 -16.92 -3.98 14.86
C LEU B 72 -16.43 -4.92 15.95
N VAL B 73 -15.61 -4.41 16.85
CA VAL B 73 -15.08 -5.22 17.94
C VAL B 73 -16.24 -5.74 18.79
N GLU B 74 -17.20 -4.87 19.11
CA GLU B 74 -18.34 -5.29 19.91
C GLU B 74 -19.14 -6.38 19.18
N ALA B 75 -19.46 -6.15 17.91
CA ALA B 75 -20.22 -7.13 17.14
C ALA B 75 -19.50 -8.48 17.16
N ALA B 76 -18.20 -8.45 16.93
CA ALA B 76 -17.38 -9.65 16.90
C ALA B 76 -17.42 -10.38 18.24
N ASN B 77 -17.29 -9.62 19.32
CA ASN B 77 -17.33 -10.25 20.64
C ASN B 77 -18.72 -10.81 20.94
N ASP B 78 -19.76 -10.11 20.50
CA ASP B 78 -21.11 -10.60 20.71
C ASP B 78 -21.31 -11.94 19.98
N ASP B 79 -20.75 -12.05 18.76
CA ASP B 79 -20.86 -13.29 18.00
C ASP B 79 -20.14 -14.40 18.76
N GLY B 80 -18.93 -14.11 19.22
CA GLY B 80 -18.15 -15.09 19.95
C GLY B 80 -18.90 -15.57 21.17
N LYS B 81 -19.46 -14.63 21.93
CA LYS B 81 -20.23 -14.96 23.13
C LYS B 81 -21.47 -15.77 22.76
N SER B 82 -22.18 -15.35 21.72
CA SER B 82 -23.39 -16.05 21.28
C SER B 82 -23.12 -17.50 20.89
N LEU B 83 -21.97 -17.75 20.28
CA LEU B 83 -21.58 -19.09 19.86
C LEU B 83 -21.19 -19.94 21.07
N ALA B 84 -20.61 -19.29 22.07
CA ALA B 84 -20.19 -19.99 23.28
C ALA B 84 -21.43 -20.48 24.04
N GLN B 85 -22.48 -19.67 24.03
CA GLN B 85 -23.72 -20.02 24.70
C GLN B 85 -24.54 -21.03 23.89
N GLN B 86 -24.33 -21.05 22.58
CA GLN B 86 -25.04 -21.97 21.69
C GLN B 86 -24.43 -23.37 21.71
N TYR B 87 -23.10 -23.42 21.77
CA TYR B 87 -22.37 -24.68 21.79
C TYR B 87 -21.35 -24.64 22.92
N PRO B 88 -21.81 -24.61 24.18
CA PRO B 88 -20.96 -24.55 25.38
C PRO B 88 -19.87 -25.62 25.43
N ASP B 89 -20.11 -26.74 24.76
CA ASP B 89 -19.13 -27.82 24.76
C ASP B 89 -18.20 -27.88 23.56
N GLN B 90 -18.54 -27.17 22.50
CA GLN B 90 -17.68 -27.17 21.31
C GLN B 90 -16.93 -25.86 21.07
N LEU B 91 -17.59 -24.73 21.32
CA LEU B 91 -16.95 -23.45 21.07
C LEU B 91 -16.78 -22.49 22.24
N GLY B 92 -15.62 -21.83 22.25
CA GLY B 92 -15.30 -20.84 23.26
C GLY B 92 -14.75 -19.67 22.44
N TYR B 93 -14.36 -18.57 23.07
CA TYR B 93 -13.82 -17.48 22.27
C TYR B 93 -12.89 -16.51 22.99
N LEU B 94 -12.01 -15.89 22.22
CA LEU B 94 -11.08 -14.90 22.73
C LEU B 94 -11.60 -13.56 22.22
N ALA B 95 -11.70 -12.59 23.12
CA ALA B 95 -12.20 -11.28 22.75
C ALA B 95 -11.20 -10.43 21.97
N SER B 96 -11.74 -9.64 21.04
CA SER B 96 -10.93 -8.72 20.25
C SER B 96 -10.97 -7.42 21.02
N LEU B 97 -9.99 -6.56 20.79
CA LEU B 97 -9.92 -5.30 21.49
C LEU B 97 -9.94 -4.12 20.54
N PRO B 98 -10.50 -2.98 20.99
CA PRO B 98 -10.58 -1.79 20.15
C PRO B 98 -9.26 -1.00 20.12
N ILE B 99 -8.15 -1.73 19.98
CA ILE B 99 -6.83 -1.10 19.87
C ILE B 99 -6.93 -0.26 18.60
N PRO B 100 -6.23 0.89 18.52
CA PRO B 100 -5.32 1.58 19.44
C PRO B 100 -5.94 2.48 20.50
N TYR B 101 -7.24 2.37 20.71
CA TYR B 101 -7.91 3.22 21.69
C TYR B 101 -7.79 2.64 23.11
N GLU B 102 -6.70 3.01 23.80
CA GLU B 102 -6.42 2.51 25.14
C GLU B 102 -7.56 2.40 26.15
N LEU B 103 -8.15 3.54 26.50
CA LEU B 103 -9.21 3.54 27.49
C LEU B 103 -10.42 2.70 27.07
N ASP B 104 -10.70 2.68 25.77
CA ASP B 104 -11.83 1.91 25.27
C ASP B 104 -11.50 0.42 25.31
N ALA B 105 -10.23 0.09 25.09
CA ALA B 105 -9.81 -1.30 25.13
C ALA B 105 -9.84 -1.77 26.58
N VAL B 106 -9.44 -0.91 27.50
CA VAL B 106 -9.47 -1.26 28.92
C VAL B 106 -10.88 -1.65 29.28
N LYS B 107 -11.84 -0.91 28.74
CA LYS B 107 -13.23 -1.19 29.01
C LYS B 107 -13.66 -2.53 28.41
N THR B 108 -13.16 -2.88 27.23
CA THR B 108 -13.52 -4.15 26.61
C THR B 108 -12.94 -5.32 27.39
N VAL B 109 -11.68 -5.20 27.81
CA VAL B 109 -11.04 -6.24 28.58
C VAL B 109 -11.87 -6.61 29.80
N GLN B 110 -12.18 -5.61 30.61
CA GLN B 110 -12.96 -5.79 31.82
C GLN B 110 -14.31 -6.45 31.55
N GLN B 111 -14.98 -5.99 30.51
CA GLN B 111 -16.30 -6.49 30.16
C GLN B 111 -16.31 -7.89 29.54
N ALA B 112 -15.34 -8.15 28.67
CA ALA B 112 -15.27 -9.44 28.01
C ALA B 112 -14.87 -10.54 28.97
N LEU B 113 -13.96 -10.22 29.89
CA LEU B 113 -13.48 -11.21 30.85
C LEU B 113 -14.35 -11.34 32.09
N ASP B 114 -14.86 -10.22 32.58
CA ASP B 114 -15.67 -10.26 33.79
C ASP B 114 -17.13 -10.61 33.61
N GLN B 115 -17.69 -10.35 32.43
CA GLN B 115 -19.10 -10.64 32.26
C GLN B 115 -19.60 -11.34 31.01
N ASP B 116 -18.82 -11.35 29.95
CA ASP B 116 -19.31 -11.99 28.73
C ASP B 116 -18.73 -13.36 28.38
N GLY B 117 -18.11 -14.00 29.36
CA GLY B 117 -17.55 -15.32 29.17
C GLY B 117 -16.40 -15.55 28.21
N ALA B 118 -15.57 -14.54 27.97
CA ALA B 118 -14.45 -14.76 27.07
C ALA B 118 -13.39 -15.58 27.82
N LEU B 119 -12.64 -16.40 27.10
CA LEU B 119 -11.61 -17.22 27.72
C LEU B 119 -10.31 -16.42 27.80
N GLY B 120 -10.33 -15.24 27.18
CA GLY B 120 -9.17 -14.38 27.15
C GLY B 120 -9.31 -13.41 25.99
N VAL B 121 -8.18 -12.91 25.49
CA VAL B 121 -8.25 -11.99 24.38
C VAL B 121 -7.27 -12.34 23.27
N THR B 122 -7.54 -11.81 22.09
CA THR B 122 -6.67 -11.98 20.95
C THR B 122 -6.28 -10.56 20.54
N VAL B 123 -5.03 -10.34 20.20
CA VAL B 123 -4.59 -9.01 19.82
C VAL B 123 -3.67 -9.05 18.60
N PRO B 124 -3.75 -8.02 17.75
CA PRO B 124 -2.90 -7.98 16.54
C PRO B 124 -1.45 -7.63 16.89
N THR B 125 -0.51 -8.20 16.15
CA THR B 125 0.90 -7.90 16.38
C THR B 125 1.05 -6.38 16.23
N ASN B 126 0.30 -5.82 15.28
CA ASN B 126 0.31 -4.38 15.05
C ASN B 126 -1.02 -3.98 14.45
N SER B 127 -1.56 -2.85 14.89
CA SER B 127 -2.81 -2.36 14.34
C SER B 127 -2.46 -1.06 13.66
N ARG B 128 -2.41 -1.08 12.33
CA ARG B 128 -2.06 0.09 11.54
C ARG B 128 -0.83 0.79 12.12
N GLY B 129 0.18 0.03 12.49
CA GLY B 129 1.39 0.63 13.01
C GLY B 129 1.62 0.60 14.50
N LEU B 130 0.58 0.36 15.29
CA LEU B 130 0.75 0.29 16.74
C LEU B 130 1.03 -1.15 17.14
N TYR B 131 2.31 -1.46 17.36
CA TYR B 131 2.72 -2.81 17.74
C TYR B 131 2.47 -3.17 19.19
N PHE B 132 1.97 -4.38 19.41
CA PHE B 132 1.70 -4.82 20.77
C PHE B 132 3.02 -4.71 21.54
N GLY B 133 2.90 -4.31 22.80
CA GLY B 133 4.06 -4.12 23.63
C GLY B 133 4.27 -2.63 23.81
N SER B 134 3.63 -1.85 22.94
CA SER B 134 3.72 -0.40 22.98
C SER B 134 3.15 0.14 24.29
N PRO B 135 3.87 1.08 24.94
CA PRO B 135 3.40 1.65 26.19
C PRO B 135 2.13 2.47 26.01
N VAL B 136 1.68 2.60 24.77
CA VAL B 136 0.46 3.34 24.48
C VAL B 136 -0.72 2.57 25.06
N LEU B 137 -0.52 1.27 25.28
CA LEU B 137 -1.54 0.38 25.81
C LEU B 137 -1.27 -0.13 27.24
N GLU B 138 -0.41 0.54 28.01
CA GLU B 138 -0.10 0.07 29.37
C GLU B 138 -1.31 -0.29 30.23
N ARG B 139 -2.28 0.62 30.31
CA ARG B 139 -3.46 0.38 31.12
C ARG B 139 -4.19 -0.89 30.66
N VAL B 140 -4.06 -1.22 29.38
CA VAL B 140 -4.70 -2.43 28.86
C VAL B 140 -3.98 -3.64 29.45
N TYR B 141 -2.65 -3.56 29.49
CA TYR B 141 -1.83 -4.65 30.03
C TYR B 141 -2.13 -4.87 31.51
N GLN B 142 -2.26 -3.76 32.24
CA GLN B 142 -2.54 -3.83 33.66
C GLN B 142 -3.87 -4.55 33.92
N GLU B 143 -4.89 -4.26 33.11
CA GLU B 143 -6.20 -4.90 33.27
C GLU B 143 -6.12 -6.39 32.94
N LEU B 144 -5.26 -6.74 31.99
CA LEU B 144 -5.11 -8.11 31.58
C LEU B 144 -4.29 -8.87 32.61
N ASP B 145 -3.23 -8.25 33.11
CA ASP B 145 -2.38 -8.92 34.10
C ASP B 145 -3.15 -9.19 35.40
N ALA B 146 -3.96 -8.24 35.85
CA ALA B 146 -4.71 -8.40 37.08
C ALA B 146 -5.63 -9.61 36.99
N ARG B 147 -5.97 -10.02 35.77
CA ARG B 147 -6.86 -11.16 35.57
C ARG B 147 -6.15 -12.41 35.06
N GLN B 148 -4.82 -12.42 35.11
CA GLN B 148 -4.00 -13.55 34.64
C GLN B 148 -4.56 -14.04 33.32
N ALA B 149 -4.94 -13.10 32.46
CA ALA B 149 -5.53 -13.42 31.19
C ALA B 149 -4.63 -14.05 30.13
N ILE B 150 -5.28 -14.82 29.25
CA ILE B 150 -4.62 -15.46 28.14
C ILE B 150 -4.64 -14.40 27.04
N VAL B 151 -3.48 -14.15 26.45
CA VAL B 151 -3.38 -13.16 25.39
C VAL B 151 -2.73 -13.83 24.20
N ALA B 152 -3.52 -14.03 23.16
CA ALA B 152 -3.04 -14.66 21.93
C ALA B 152 -2.73 -13.60 20.89
N LEU B 153 -1.49 -13.58 20.42
CA LEU B 153 -1.12 -12.62 19.40
C LEU B 153 -1.50 -13.23 18.06
N HIS B 154 -1.87 -12.38 17.10
CA HIS B 154 -2.15 -12.86 15.76
C HIS B 154 -1.44 -11.91 14.82
N PRO B 155 -0.62 -12.45 13.91
CA PRO B 155 0.11 -11.60 12.97
C PRO B 155 -0.75 -10.82 11.97
N ASN B 156 -0.33 -9.59 11.70
CA ASN B 156 -0.99 -8.73 10.74
C ASN B 156 0.11 -8.33 9.78
N GLU B 157 -0.29 -7.83 8.61
CA GLU B 157 0.69 -7.37 7.64
C GLU B 157 1.56 -6.33 8.32
N PRO B 158 2.89 -6.41 8.11
CA PRO B 158 3.76 -5.40 8.73
C PRO B 158 3.34 -4.00 8.31
N ALA B 159 3.43 -3.04 9.24
CA ALA B 159 3.04 -1.66 8.97
C ALA B 159 3.56 -1.18 7.63
N ILE B 160 4.86 -1.40 7.38
CA ILE B 160 5.43 -0.98 6.11
C ILE B 160 6.62 -1.86 5.71
N LEU B 161 6.73 -2.11 4.41
CA LEU B 161 7.79 -2.95 3.87
C LEU B 161 8.34 -2.42 2.56
N PRO B 162 9.52 -2.91 2.15
CA PRO B 162 10.10 -2.43 0.89
C PRO B 162 9.08 -2.79 -0.20
N LYS B 163 8.90 -1.89 -1.16
CA LYS B 163 7.93 -2.15 -2.21
C LYS B 163 8.46 -2.87 -3.44
N ASN B 164 9.76 -2.80 -3.66
CA ASN B 164 10.34 -3.44 -4.82
C ASN B 164 11.02 -4.77 -4.52
N VAL B 165 10.36 -5.60 -3.73
CA VAL B 165 10.89 -6.91 -3.38
C VAL B 165 9.70 -7.82 -3.07
N ASP B 166 9.82 -9.09 -3.43
CA ASP B 166 8.76 -10.07 -3.21
C ASP B 166 7.40 -9.56 -3.70
N ILE B 167 7.41 -8.73 -4.74
CA ILE B 167 6.17 -8.17 -5.27
C ILE B 167 5.03 -9.18 -5.41
N ASP B 168 3.91 -8.88 -4.75
CA ASP B 168 2.71 -9.71 -4.75
C ASP B 168 2.78 -11.02 -3.98
N LEU B 169 3.81 -11.19 -3.15
CA LEU B 169 3.93 -12.40 -2.34
C LEU B 169 2.88 -12.23 -1.25
N PRO B 170 1.93 -13.19 -1.14
CA PRO B 170 0.92 -13.06 -0.08
C PRO B 170 1.57 -12.76 1.27
N VAL B 171 0.96 -11.86 2.04
CA VAL B 171 1.47 -11.45 3.35
C VAL B 171 1.65 -12.57 4.39
N PRO B 172 0.76 -13.57 4.40
CA PRO B 172 0.85 -14.69 5.36
C PRO B 172 2.10 -15.57 5.17
N LEU B 173 2.63 -15.61 3.97
CA LEU B 173 3.79 -16.44 3.70
C LEU B 173 5.09 -15.97 4.36
N LEU B 174 5.33 -14.66 4.42
CA LEU B 174 6.55 -14.14 5.03
C LEU B 174 6.29 -12.94 5.94
N GLY B 175 5.35 -12.09 5.56
CA GLY B 175 5.05 -10.91 6.36
C GLY B 175 4.58 -11.24 7.78
N PHE B 176 3.65 -12.16 7.89
CA PHE B 176 3.14 -12.55 9.20
C PHE B 176 4.31 -12.92 10.11
N PHE B 177 5.19 -13.78 9.65
CA PHE B 177 6.33 -14.18 10.48
C PHE B 177 7.24 -13.02 10.86
N ASP B 179 6.39 -9.98 11.23
CA ASP B 179 5.68 -9.15 12.21
C ASP B 179 5.64 -9.78 13.60
N THR B 180 5.33 -11.07 13.67
CA THR B 180 5.28 -11.74 14.96
C THR B 180 6.66 -11.68 15.61
N THR B 181 7.70 -11.86 14.79
CA THR B 181 9.06 -11.80 15.31
C THR B 181 9.38 -10.41 15.84
N THR B 183 7.35 -8.14 16.85
CA THR B 183 6.52 -7.85 18.01
C THR B 183 7.08 -8.51 19.27
N PHE B 184 7.51 -9.76 19.14
CA PHE B 184 8.06 -10.46 20.29
C PHE B 184 9.20 -9.66 20.86
N ILE B 185 10.11 -9.25 19.98
CA ILE B 185 11.25 -8.46 20.38
C ILE B 185 10.82 -7.12 20.96
N ASN B 186 9.76 -6.56 20.42
CA ASN B 186 9.26 -5.27 20.91
C ASN B 186 8.85 -5.44 22.37
N LEU B 188 10.08 -7.57 24.49
CA LEU B 188 11.27 -7.78 25.32
C LEU B 188 11.85 -6.41 25.65
N LYS B 189 11.87 -5.52 24.66
CA LYS B 189 12.42 -4.18 24.82
C LYS B 189 11.63 -3.43 25.90
N TYR B 190 10.32 -3.65 25.95
CA TYR B 190 9.51 -2.95 26.94
C TYR B 190 9.28 -3.73 28.24
N HIS B 191 10.06 -4.78 28.48
CA HIS B 191 9.96 -5.58 29.70
C HIS B 191 8.53 -6.09 29.98
N PHE B 192 7.78 -6.37 28.91
CA PHE B 192 6.41 -6.83 29.03
C PHE B 192 6.23 -8.04 29.97
N PHE B 193 7.01 -9.09 29.77
CA PHE B 193 6.89 -10.30 30.58
C PHE B 193 7.34 -10.11 32.03
N GLU B 194 8.19 -9.12 32.23
CA GLU B 194 8.72 -8.79 33.54
C GLU B 194 7.70 -7.95 34.32
N LYS B 195 7.05 -7.02 33.61
CA LYS B 195 6.05 -6.14 34.22
C LYS B 195 4.66 -6.78 34.33
N TYR B 196 4.34 -7.73 33.45
CA TYR B 196 3.04 -8.41 33.48
C TYR B 196 3.28 -9.90 33.43
N PRO B 197 3.90 -10.44 34.49
CA PRO B 197 4.22 -11.87 34.61
C PRO B 197 3.03 -12.81 34.70
N ASN B 198 1.85 -12.26 34.98
CA ASN B 198 0.66 -13.09 35.12
C ASN B 198 -0.09 -13.35 33.83
N ILE B 199 0.22 -12.58 32.80
CA ILE B 199 -0.45 -12.76 31.52
C ILE B 199 0.11 -14.00 30.85
N LYS B 200 -0.74 -14.77 30.19
CA LYS B 200 -0.29 -15.96 29.50
C LYS B 200 -0.32 -15.66 28.00
N VAL B 201 0.84 -15.33 27.46
CA VAL B 201 0.95 -14.97 26.05
C VAL B 201 1.16 -16.17 25.12
N ILE B 202 0.27 -16.30 24.16
CA ILE B 202 0.36 -17.37 23.18
C ILE B 202 0.89 -16.75 21.90
N ILE B 203 2.07 -17.20 21.48
CA ILE B 203 2.69 -16.72 20.25
C ILE B 203 2.35 -17.75 19.16
N PRO B 204 1.66 -17.32 18.10
CA PRO B 204 1.27 -18.23 17.01
C PRO B 204 2.37 -18.81 16.13
N HIS B 205 1.94 -19.70 15.25
CA HIS B 205 2.80 -20.37 14.29
C HIS B 205 4.17 -20.78 14.82
N ALA B 206 4.16 -21.56 15.89
CA ALA B 206 5.38 -22.07 16.51
C ALA B 206 6.47 -21.02 16.74
N GLY B 207 6.05 -19.79 17.02
CA GLY B 207 6.99 -18.73 17.31
C GLY B 207 7.66 -18.06 16.13
N ALA B 208 7.08 -18.20 14.94
CA ALA B 208 7.65 -17.57 13.75
C ALA B 208 9.15 -17.80 13.59
N PHE B 209 9.93 -16.72 13.65
CA PHE B 209 11.39 -16.81 13.49
C PHE B 209 12.18 -16.82 14.80
N LEU B 210 11.48 -16.89 15.93
CA LEU B 210 12.16 -16.86 17.22
C LEU B 210 13.19 -17.97 17.37
N GLY B 211 12.87 -19.15 16.83
CA GLY B 211 13.78 -20.28 16.91
C GLY B 211 15.13 -20.03 16.29
N ILE B 212 15.26 -18.96 15.51
CA ILE B 212 16.53 -18.65 14.88
C ILE B 212 17.16 -17.35 15.40
N VAL B 213 16.34 -16.32 15.65
CA VAL B 213 16.88 -15.04 16.13
C VAL B 213 17.24 -14.96 17.62
N ASP B 214 16.56 -15.74 18.45
CA ASP B 214 16.85 -15.72 19.89
C ASP B 214 18.34 -15.80 20.14
N ASP B 215 18.97 -16.84 19.60
CA ASP B 215 20.40 -17.06 19.75
C ASP B 215 21.22 -15.89 19.26
N ARG B 216 20.69 -15.17 18.27
CA ARG B 216 21.38 -14.02 17.69
C ARG B 216 21.22 -12.76 18.54
N ILE B 217 20.07 -12.59 19.20
CA ILE B 217 19.83 -11.40 20.01
C ILE B 217 20.02 -11.62 21.51
N ALA B 218 20.17 -12.88 21.91
CA ALA B 218 20.35 -13.23 23.31
C ALA B 218 21.27 -12.27 24.04
N GLN B 219 22.43 -12.01 23.45
CA GLN B 219 23.40 -11.11 24.07
C GLN B 219 22.89 -9.68 24.24
N TYR B 220 22.43 -9.08 23.16
CA TYR B 220 21.92 -7.71 23.20
C TYR B 220 20.79 -7.60 24.21
N ALA B 221 19.87 -8.56 24.16
CA ALA B 221 18.73 -8.57 25.05
C ALA B 221 19.15 -8.66 26.52
N GLN B 222 20.22 -9.37 26.79
CA GLN B 222 20.71 -9.52 28.15
C GLN B 222 21.38 -8.26 28.65
N LYS B 223 22.19 -7.65 27.79
CA LYS B 223 22.94 -6.44 28.09
C LYS B 223 22.12 -5.15 28.08
N VAL B 224 21.32 -4.95 27.03
CA VAL B 224 20.54 -3.73 26.89
C VAL B 224 19.12 -3.79 27.47
N TYR B 225 18.44 -4.92 27.32
CA TYR B 225 17.08 -5.02 27.86
C TYR B 225 17.08 -5.64 29.25
N GLN B 226 18.22 -6.21 29.66
CA GLN B 226 18.33 -6.85 30.96
C GLN B 226 17.26 -7.95 31.04
N VAL B 227 17.16 -8.69 29.95
CA VAL B 227 16.21 -9.79 29.85
C VAL B 227 16.90 -11.03 29.31
N ASP B 228 16.50 -12.18 29.83
CA ASP B 228 17.06 -13.47 29.40
C ASP B 228 16.02 -14.05 28.44
N VAL B 229 16.28 -13.91 27.15
CA VAL B 229 15.36 -14.40 26.13
C VAL B 229 14.98 -15.87 26.35
N TYR B 230 15.94 -16.68 26.79
CA TYR B 230 15.69 -18.10 27.04
C TYR B 230 14.68 -18.33 28.17
N ASP B 231 14.74 -17.51 29.23
CA ASP B 231 13.77 -17.68 30.30
C ASP B 231 12.39 -17.34 29.76
N VAL B 232 12.31 -16.26 28.97
CA VAL B 232 11.05 -15.82 28.39
C VAL B 232 10.43 -16.90 27.51
N HIS B 234 10.56 -19.93 27.88
CA HIS B 234 10.01 -20.96 28.76
C HIS B 234 8.70 -20.46 29.36
N HIS B 235 8.63 -19.15 29.56
CA HIS B 235 7.48 -18.50 30.16
C HIS B 235 6.23 -18.37 29.30
N VAL B 236 6.41 -18.13 28.00
CA VAL B 236 5.27 -17.95 27.10
C VAL B 236 4.78 -19.25 26.48
N TYR B 237 3.67 -19.17 25.76
CA TYR B 237 3.08 -20.33 25.09
C TYR B 237 3.17 -20.18 23.58
N PHE B 238 2.93 -21.27 22.87
CA PHE B 238 2.99 -21.26 21.41
C PHE B 238 1.92 -22.19 20.84
N ASP B 239 1.29 -21.78 19.75
CA ASP B 239 0.33 -22.66 19.10
C ASP B 239 1.17 -23.24 17.96
N VAL B 240 0.73 -24.32 17.34
CA VAL B 240 1.53 -24.90 16.28
C VAL B 240 0.88 -24.98 14.91
N ALA B 241 0.22 -23.90 14.52
CA ALA B 241 -0.42 -23.84 13.21
C ALA B 241 0.67 -23.61 12.17
N GLY B 242 0.43 -24.07 10.94
CA GLY B 242 1.41 -23.87 9.90
C GLY B 242 2.27 -25.07 9.57
N ALA B 243 3.24 -24.84 8.70
CA ALA B 243 4.17 -25.89 8.29
C ALA B 243 5.25 -26.04 9.36
N VAL B 244 4.86 -26.50 10.54
CA VAL B 244 5.78 -26.66 11.66
C VAL B 244 6.71 -27.85 11.54
N LEU B 245 6.41 -28.76 10.62
CA LEU B 245 7.25 -29.93 10.43
C LEU B 245 7.90 -29.83 9.07
N PRO B 246 9.11 -30.38 8.91
CA PRO B 246 9.87 -31.10 9.92
C PRO B 246 10.95 -30.30 10.65
N ARG B 247 11.01 -28.99 10.39
CA ARG B 247 12.05 -28.17 11.01
C ARG B 247 11.67 -27.19 12.12
N GLN B 248 10.60 -26.42 11.90
CA GLN B 248 10.18 -25.40 12.87
C GLN B 248 9.87 -25.87 14.30
N LEU B 249 8.95 -26.82 14.45
CA LEU B 249 8.60 -27.30 15.78
C LEU B 249 9.79 -27.92 16.52
N PRO B 250 10.53 -28.81 15.85
CA PRO B 250 11.68 -29.42 16.52
C PRO B 250 12.65 -28.39 17.10
N THR B 251 12.90 -27.32 16.35
CA THR B 251 13.80 -26.28 16.83
C THR B 251 13.20 -25.56 18.02
N LEU B 252 11.89 -25.32 17.96
CA LEU B 252 11.19 -24.61 19.03
C LEU B 252 11.20 -25.42 20.32
N SER B 254 13.48 -27.04 21.71
CA SER B 254 14.70 -26.94 22.49
C SER B 254 14.69 -25.60 23.23
N LEU B 255 13.65 -24.79 23.00
CA LEU B 255 13.53 -23.48 23.63
C LEU B 255 12.28 -23.33 24.48
N ALA B 256 11.19 -23.93 24.02
CA ALA B 256 9.92 -23.85 24.72
C ALA B 256 9.75 -24.93 25.77
N GLN B 257 8.85 -24.68 26.70
CA GLN B 257 8.52 -25.61 27.76
C GLN B 257 7.53 -26.58 27.11
N PRO B 258 7.68 -27.88 27.35
CA PRO B 258 6.79 -28.91 26.78
C PRO B 258 5.29 -28.73 27.07
N GLU B 259 4.97 -28.22 28.25
CA GLU B 259 3.58 -28.03 28.62
C GLU B 259 2.97 -26.76 28.01
N HIS B 260 3.80 -25.96 27.35
CA HIS B 260 3.31 -24.70 26.77
C HIS B 260 3.06 -24.71 25.26
N LEU B 261 3.01 -25.90 24.66
CA LEU B 261 2.76 -26.02 23.22
C LEU B 261 1.31 -26.38 22.96
N LEU B 262 0.62 -25.56 22.19
CA LEU B 262 -0.81 -25.76 21.90
C LEU B 262 -1.14 -26.01 20.42
N TYR B 263 -2.04 -26.95 20.18
CA TYR B 263 -2.44 -27.26 18.81
C TYR B 263 -3.28 -26.14 18.20
N GLY B 264 -3.18 -25.99 16.89
CA GLY B 264 -3.94 -24.97 16.18
C GLY B 264 -4.10 -25.39 14.72
N SER B 265 -5.27 -25.11 14.14
CA SER B 265 -5.54 -25.49 12.75
C SER B 265 -5.47 -24.33 11.77
N ASP B 266 -5.86 -23.15 12.24
CA ASP B 266 -5.89 -21.94 11.43
C ASP B 266 -6.97 -21.96 10.34
N ILE B 267 -8.05 -22.70 10.59
CA ILE B 267 -9.15 -22.72 9.62
C ILE B 267 -9.97 -21.48 9.93
N PRO B 268 -10.69 -20.94 8.92
CA PRO B 268 -10.77 -21.43 7.55
C PRO B 268 -9.80 -20.74 6.59
N TYR B 269 -8.89 -19.93 7.12
CA TYR B 269 -7.92 -19.24 6.26
C TYR B 269 -6.99 -20.25 5.61
N THR B 270 -6.68 -21.32 6.34
CA THR B 270 -5.88 -22.39 5.77
C THR B 270 -6.99 -23.32 5.27
N PRO B 271 -6.97 -23.68 3.97
CA PRO B 271 -8.01 -24.57 3.46
C PRO B 271 -8.23 -25.75 4.41
N LEU B 272 -9.49 -26.13 4.62
CA LEU B 272 -9.79 -27.24 5.52
C LEU B 272 -8.99 -28.50 5.20
N ASP B 273 -8.88 -28.83 3.91
CA ASP B 273 -8.15 -30.02 3.53
C ASP B 273 -6.68 -29.93 3.92
N GLY B 274 -6.08 -28.77 3.67
CA GLY B 274 -4.69 -28.59 4.01
C GLY B 274 -4.50 -28.67 5.51
N SER B 275 -5.46 -28.13 6.25
CA SER B 275 -5.42 -28.12 7.72
C SER B 275 -5.53 -29.56 8.23
N ARG B 276 -6.37 -30.35 7.58
CA ARG B 276 -6.53 -31.75 7.97
C ARG B 276 -5.19 -32.49 7.74
N GLN B 277 -4.58 -32.20 6.61
CA GLN B 277 -3.31 -32.84 6.29
C GLN B 277 -2.25 -32.43 7.34
N LEU B 278 -2.27 -31.15 7.72
CA LEU B 278 -1.27 -30.66 8.70
C LEU B 278 -1.44 -31.32 10.06
N GLY B 279 -2.69 -31.53 10.43
CA GLY B 279 -2.99 -32.15 11.70
C GLY B 279 -2.71 -33.64 11.70
N HIS B 280 -2.81 -34.24 10.53
CA HIS B 280 -2.55 -35.67 10.38
C HIS B 280 -1.05 -35.87 10.49
N ALA B 281 -0.29 -34.90 9.97
CA ALA B 281 1.16 -34.95 10.01
C ALA B 281 1.63 -34.94 11.47
N LEU B 282 1.04 -34.05 12.27
CA LEU B 282 1.40 -33.98 13.68
C LEU B 282 1.12 -35.29 14.40
N ALA B 283 0.09 -36.00 13.94
CA ALA B 283 -0.31 -37.26 14.56
C ALA B 283 0.56 -38.46 14.19
N THR B 284 1.13 -38.43 12.98
CA THR B 284 1.95 -39.54 12.52
C THR B 284 3.45 -39.30 12.41
N THR B 285 3.92 -38.11 12.71
CA THR B 285 5.35 -37.83 12.59
C THR B 285 6.24 -38.63 13.54
N ASP B 286 7.49 -38.86 13.12
CA ASP B 286 8.47 -39.59 13.94
C ASP B 286 9.28 -38.61 14.77
N LEU B 287 8.99 -37.32 14.62
CA LEU B 287 9.69 -36.27 15.34
C LEU B 287 9.07 -35.98 16.70
N LEU B 288 7.94 -36.62 16.99
CA LEU B 288 7.28 -36.41 18.26
C LEU B 288 6.91 -37.71 18.94
N THR B 289 7.14 -37.77 20.25
CA THR B 289 6.81 -38.95 21.02
C THR B 289 5.29 -38.96 21.21
N ASN B 290 4.73 -40.06 21.67
CA ASN B 290 3.29 -40.13 21.87
C ASN B 290 2.88 -39.16 22.97
N GLU B 291 3.72 -39.01 23.98
CA GLU B 291 3.44 -38.11 25.09
C GLU B 291 3.33 -36.67 24.59
N GLN B 292 4.26 -36.28 23.74
CA GLN B 292 4.28 -34.93 23.18
C GLN B 292 3.04 -34.67 22.32
N LYS B 293 2.67 -35.65 21.51
CA LYS B 293 1.49 -35.48 20.65
C LYS B 293 0.26 -35.28 21.51
N GLN B 294 0.21 -36.00 22.62
CA GLN B 294 -0.91 -35.94 23.57
C GLN B 294 -0.98 -34.56 24.25
N ALA B 295 0.19 -34.03 24.58
CA ALA B 295 0.29 -32.73 25.24
C ALA B 295 -0.14 -31.61 24.29
N ILE B 296 0.41 -31.63 23.09
CA ILE B 296 0.14 -30.61 22.09
C ILE B 296 -1.32 -30.60 21.63
N PHE B 297 -1.89 -31.78 21.44
CA PHE B 297 -3.28 -31.90 20.99
C PHE B 297 -4.34 -31.65 22.06
N TYR B 298 -4.03 -31.93 23.33
CA TYR B 298 -5.05 -31.78 24.36
C TYR B 298 -4.63 -31.35 25.77
N ASP B 299 -3.74 -32.12 26.40
CA ASP B 299 -3.30 -31.83 27.76
C ASP B 299 -2.90 -30.38 28.03
N ASN B 300 -2.02 -29.84 27.20
CA ASN B 300 -1.55 -28.48 27.44
C ASN B 300 -2.67 -27.45 27.43
N ALA B 301 -3.54 -27.53 26.44
CA ALA B 301 -4.66 -26.59 26.36
C ALA B 301 -5.57 -26.80 27.56
N HIS B 302 -5.90 -28.07 27.83
CA HIS B 302 -6.78 -28.41 28.94
C HIS B 302 -6.27 -27.89 30.28
N ARG B 303 -4.97 -28.03 30.52
CA ARG B 303 -4.40 -27.55 31.77
C ARG B 303 -4.59 -26.04 31.83
N LEU B 304 -4.24 -25.38 30.73
CA LEU B 304 -4.33 -23.93 30.62
C LEU B 304 -5.74 -23.42 30.84
N LEU B 305 -6.74 -24.11 30.28
CA LEU B 305 -8.14 -23.70 30.41
C LEU B 305 -8.74 -23.95 31.78
N THR B 306 -8.30 -25.00 32.46
CA THR B 306 -8.85 -25.31 33.77
C THR B 306 -8.29 -24.42 34.86
N GLU B 307 -7.12 -23.83 34.63
CA GLU B 307 -6.50 -22.94 35.59
C GLU B 307 -7.42 -21.76 35.93
#